data_8TUS
#
_entry.id   8TUS
#
_cell.length_a   78.401
_cell.length_b   89.514
_cell.length_c   102.329
_cell.angle_alpha   90.000
_cell.angle_beta   90.000
_cell.angle_gamma   90.000
#
_symmetry.space_group_name_H-M   'P 21 21 21'
#
loop_
_entity.id
_entity.type
_entity.pdbx_description
1 polymer 'Importin subunit alpha-1'
2 polymer 'Large T antigen'
#
loop_
_entity_poly.entity_id
_entity_poly.type
_entity_poly.pdbx_seq_one_letter_code
_entity_poly.pdbx_strand_id
1 'polypeptide(L)'
;MHHHHHHSSGLVPRGSGMLETAAALFERNHMDSPDLGTDDDDLAMADIGSNQGTVNWSVEDIVKGINSNNLESQLQATQA
ARKLLSREKQPPIDNIIRAGLIPKFVSFLGKTDCSPIQFESAWALTNIASGTSEQTKAVVDGGAIPAFISLLASPHAHIS
EQAVWALGNIAGDGSAFRDLVIKHGAIDPLLALLAVPDLSTLACGYLRNLTWTLSNLCRNKNPAPPLDAVEQILPTLVRL
LHHNDPEVLADSCWAISYLTDGPNERIEMVVKKGVVPQLVKLLGATELPIVTPALRAIGNIVTGTDEQTQKVIDAGALAV
FPSLLTNPKTNIQKEATWTMSNITAGRQDQIQQVVNHGLVPFLVGVLSKADFKTQKEAAWAITNYTSGGTVEQIVYLVHC
GIIEPLMNLLSAKDTKIIQVILDAISNIFQAAEKLGETEKLSIMIEECGGLDKIEALQRHENESVYKASLNLIEKYFSVE
EEEDQNVVPETTSEGFAFQVQDGAPGTFNF
;
A
2 'polypeptide(L)' KRTREDDEEPQCSQATPPKKKKD C
#
# COMPACT_ATOMS: atom_id res chain seq x y z
N ASN A 56 1.99 -15.58 -37.03
CA ASN A 56 1.50 -14.22 -36.96
C ASN A 56 0.21 -14.09 -37.77
N TRP A 57 -0.82 -14.82 -37.35
CA TRP A 57 -2.07 -14.86 -38.07
C TRP A 57 -2.72 -13.47 -38.09
N SER A 58 -3.73 -13.34 -38.95
CA SER A 58 -4.61 -12.19 -39.00
C SER A 58 -5.89 -12.50 -38.22
N VAL A 59 -6.57 -11.44 -37.79
CA VAL A 59 -7.82 -11.62 -37.06
C VAL A 59 -8.81 -12.42 -37.90
N GLU A 60 -8.86 -12.14 -39.21
CA GLU A 60 -9.81 -12.84 -40.07
C GLU A 60 -9.48 -14.33 -40.19
N ASP A 61 -8.19 -14.68 -40.22
CA ASP A 61 -7.83 -16.10 -40.24
C ASP A 61 -8.21 -16.78 -38.93
N ILE A 62 -7.98 -16.11 -37.80
CA ILE A 62 -8.37 -16.67 -36.51
C ILE A 62 -9.87 -16.89 -36.47
N VAL A 63 -10.65 -15.95 -37.00
CA VAL A 63 -12.10 -16.08 -37.01
C VAL A 63 -12.51 -17.26 -37.88
N LYS A 64 -11.93 -17.35 -39.08
CA LYS A 64 -12.25 -18.46 -39.97
C LYS A 64 -11.96 -19.80 -39.29
N GLY A 65 -10.84 -19.88 -38.56
CA GLY A 65 -10.49 -21.14 -37.93
C GLY A 65 -11.40 -21.48 -36.76
N ILE A 66 -11.71 -20.49 -35.92
CA ILE A 66 -12.56 -20.75 -34.77
C ILE A 66 -13.99 -21.07 -35.19
N ASN A 67 -14.44 -20.50 -36.32
CA ASN A 67 -15.80 -20.73 -36.79
C ASN A 67 -15.96 -22.04 -37.54
N SER A 68 -14.87 -22.75 -37.82
CA SER A 68 -14.99 -24.07 -38.45
C SER A 68 -15.62 -25.06 -37.47
N ASN A 69 -16.00 -26.22 -38.00
CA ASN A 69 -16.55 -27.29 -37.19
C ASN A 69 -15.52 -28.37 -36.87
N ASN A 70 -14.24 -28.01 -36.88
CA ASN A 70 -13.15 -28.94 -36.63
C ASN A 70 -12.47 -28.55 -35.32
N LEU A 71 -12.47 -29.45 -34.36
CA LEU A 71 -11.87 -29.15 -33.06
C LEU A 71 -10.40 -28.78 -33.18
N GLU A 72 -9.67 -29.47 -34.06
CA GLU A 72 -8.24 -29.20 -34.20
C GLU A 72 -8.00 -27.86 -34.89
N SER A 73 -8.81 -27.53 -35.89
CA SER A 73 -8.70 -26.21 -36.52
C SER A 73 -9.00 -25.12 -35.51
N GLN A 74 -10.02 -25.33 -34.68
CA GLN A 74 -10.32 -24.38 -33.62
C GLN A 74 -9.15 -24.25 -32.65
N LEU A 75 -8.51 -25.37 -32.33
CA LEU A 75 -7.34 -25.33 -31.43
C LEU A 75 -6.21 -24.50 -32.04
N GLN A 76 -5.93 -24.73 -33.32
CA GLN A 76 -4.87 -23.98 -33.99
C GLN A 76 -5.21 -22.49 -34.01
N ALA A 77 -6.46 -22.14 -34.34
CA ALA A 77 -6.84 -20.73 -34.40
C ALA A 77 -6.76 -20.09 -33.02
N THR A 78 -7.14 -20.83 -31.97
CA THR A 78 -7.08 -20.30 -30.62
C THR A 78 -5.64 -20.09 -30.19
N GLN A 79 -4.75 -21.00 -30.55
CA GLN A 79 -3.34 -20.80 -30.25
C GLN A 79 -2.78 -19.60 -30.99
N ALA A 80 -3.18 -19.41 -32.25
CA ALA A 80 -2.77 -18.23 -32.99
C ALA A 80 -3.26 -16.97 -32.30
N ALA A 81 -4.51 -16.98 -31.83
CA ALA A 81 -5.06 -15.83 -31.11
C ALA A 81 -4.26 -15.55 -29.84
N ARG A 82 -3.94 -16.60 -29.10
CA ARG A 82 -3.14 -16.44 -27.88
C ARG A 82 -1.80 -15.79 -28.20
N LYS A 83 -1.08 -16.33 -29.19
CA LYS A 83 0.21 -15.77 -29.53
C LYS A 83 0.08 -14.32 -30.02
N LEU A 84 -1.01 -14.00 -30.71
CA LEU A 84 -1.20 -12.63 -31.18
C LEU A 84 -1.45 -11.68 -30.01
N LEU A 85 -2.27 -12.09 -29.05
CA LEU A 85 -2.54 -11.27 -27.87
C LEU A 85 -1.41 -11.32 -26.84
N SER A 86 -0.36 -12.10 -27.10
CA SER A 86 0.81 -12.16 -26.23
C SER A 86 1.95 -11.29 -26.72
N ARG A 87 1.77 -10.56 -27.82
CA ARG A 87 2.83 -9.70 -28.32
C ARG A 87 3.10 -8.56 -27.35
N GLU A 88 4.23 -7.88 -27.57
CA GLU A 88 4.65 -6.82 -26.67
C GLU A 88 4.21 -5.44 -27.13
N LYS A 89 4.18 -5.21 -28.44
CA LYS A 89 3.88 -3.89 -29.00
C LYS A 89 2.42 -3.87 -29.46
N GLN A 90 1.56 -3.23 -28.66
CA GLN A 90 0.16 -3.00 -29.00
C GLN A 90 -0.53 -4.30 -29.40
N PRO A 91 -0.79 -5.21 -28.47
CA PRO A 91 -1.58 -6.39 -28.80
C PRO A 91 -2.97 -5.98 -29.25
N PRO A 92 -3.56 -6.71 -30.22
CA PRO A 92 -4.83 -6.30 -30.81
C PRO A 92 -6.04 -6.74 -29.98
N ILE A 93 -6.09 -6.27 -28.74
CA ILE A 93 -7.18 -6.68 -27.84
C ILE A 93 -8.52 -6.16 -28.35
N ASP A 94 -8.57 -4.88 -28.74
CA ASP A 94 -9.84 -4.29 -29.17
C ASP A 94 -10.35 -4.96 -30.45
N ASN A 95 -9.45 -5.24 -31.39
CA ASN A 95 -9.88 -5.89 -32.63
C ASN A 95 -10.36 -7.32 -32.37
N ILE A 96 -9.71 -8.02 -31.44
CA ILE A 96 -10.15 -9.36 -31.09
C ILE A 96 -11.52 -9.31 -30.42
N ILE A 97 -11.76 -8.29 -29.59
CA ILE A 97 -13.06 -8.15 -28.95
C ILE A 97 -14.14 -7.85 -29.98
N ARG A 98 -13.85 -6.95 -30.93
CA ARG A 98 -14.84 -6.61 -31.95
C ARG A 98 -15.17 -7.81 -32.83
N ALA A 99 -14.20 -8.69 -33.08
CA ALA A 99 -14.46 -9.89 -33.86
C ALA A 99 -15.42 -10.84 -33.16
N GLY A 100 -15.72 -10.63 -31.88
CA GLY A 100 -16.66 -11.47 -31.17
C GLY A 100 -16.11 -12.82 -30.75
N LEU A 101 -14.82 -12.90 -30.42
CA LEU A 101 -14.17 -14.16 -30.11
C LEU A 101 -14.23 -14.54 -28.64
N ILE A 102 -14.64 -13.62 -27.76
CA ILE A 102 -14.65 -13.93 -26.33
C ILE A 102 -15.63 -15.06 -26.00
N PRO A 103 -16.87 -15.04 -26.47
CA PRO A 103 -17.77 -16.17 -26.19
C PRO A 103 -17.21 -17.51 -26.66
N LYS A 104 -16.50 -17.51 -27.80
CA LYS A 104 -15.95 -18.76 -28.30
C LYS A 104 -14.86 -19.30 -27.38
N PHE A 105 -13.98 -18.41 -26.90
CA PHE A 105 -12.97 -18.82 -25.92
C PHE A 105 -13.62 -19.33 -24.65
N VAL A 106 -14.65 -18.63 -24.16
CA VAL A 106 -15.33 -19.07 -22.95
C VAL A 106 -15.93 -20.47 -23.16
N SER A 107 -16.50 -20.71 -24.33
CA SER A 107 -17.02 -22.05 -24.62
C SER A 107 -15.92 -23.08 -24.65
N PHE A 108 -14.77 -22.73 -25.23
CA PHE A 108 -13.64 -23.67 -25.27
C PHE A 108 -13.15 -24.00 -23.86
N LEU A 109 -13.29 -23.06 -22.93
CA LEU A 109 -12.85 -23.32 -21.56
C LEU A 109 -13.46 -24.59 -20.99
N GLY A 110 -14.63 -24.99 -21.50
CA GLY A 110 -15.35 -26.14 -20.99
C GLY A 110 -15.12 -27.44 -21.73
N LYS A 111 -14.14 -27.50 -22.63
CA LYS A 111 -13.86 -28.72 -23.39
C LYS A 111 -12.95 -29.62 -22.57
N THR A 112 -13.57 -30.37 -21.66
CA THR A 112 -12.80 -31.28 -20.80
C THR A 112 -12.01 -32.29 -21.61
N ASP A 113 -12.50 -32.66 -22.80
CA ASP A 113 -11.85 -33.68 -23.61
C ASP A 113 -10.69 -33.14 -24.43
N CYS A 114 -10.46 -31.82 -24.42
CA CYS A 114 -9.39 -31.19 -25.21
C CYS A 114 -8.69 -30.17 -24.32
N SER A 115 -7.80 -30.65 -23.45
CA SER A 115 -7.10 -29.75 -22.55
C SER A 115 -6.32 -28.66 -23.27
N PRO A 116 -5.69 -28.91 -24.42
CA PRO A 116 -4.93 -27.82 -25.07
C PRO A 116 -5.79 -26.62 -25.42
N ILE A 117 -7.00 -26.84 -25.93
CA ILE A 117 -7.85 -25.71 -26.30
C ILE A 117 -8.28 -24.95 -25.05
N GLN A 118 -8.55 -25.67 -23.96
CA GLN A 118 -8.82 -25.01 -22.68
C GLN A 118 -7.67 -24.09 -22.31
N PHE A 119 -6.44 -24.61 -22.36
CA PHE A 119 -5.28 -23.82 -21.97
C PHE A 119 -5.12 -22.59 -22.85
N GLU A 120 -5.26 -22.76 -24.17
CA GLU A 120 -5.06 -21.64 -25.09
C GLU A 120 -6.12 -20.56 -24.89
N SER A 121 -7.40 -20.98 -24.79
CA SER A 121 -8.45 -19.99 -24.57
C SER A 121 -8.29 -19.30 -23.23
N ALA A 122 -7.85 -20.03 -22.20
CA ALA A 122 -7.62 -19.42 -20.90
C ALA A 122 -6.53 -18.37 -20.99
N TRP A 123 -5.42 -18.70 -21.66
CA TRP A 123 -4.33 -17.74 -21.82
C TRP A 123 -4.81 -16.50 -22.57
N ALA A 124 -5.55 -16.69 -23.66
CA ALA A 124 -6.03 -15.55 -24.44
C ALA A 124 -6.94 -14.66 -23.62
N LEU A 125 -7.91 -15.26 -22.91
CA LEU A 125 -8.82 -14.47 -22.09
C LEU A 125 -8.07 -13.77 -20.97
N THR A 126 -7.05 -14.43 -20.40
CA THR A 126 -6.23 -13.78 -19.39
C THR A 126 -5.59 -12.51 -19.94
N ASN A 127 -4.98 -12.61 -21.13
CA ASN A 127 -4.31 -11.45 -21.69
C ASN A 127 -5.30 -10.37 -22.09
N ILE A 128 -6.55 -10.74 -22.40
CA ILE A 128 -7.55 -9.72 -22.70
C ILE A 128 -7.98 -9.01 -21.42
N ALA A 129 -8.25 -9.76 -20.36
CA ALA A 129 -8.68 -9.18 -19.09
C ALA A 129 -7.59 -8.37 -18.41
N SER A 130 -6.36 -8.41 -18.93
CA SER A 130 -5.25 -7.67 -18.35
C SER A 130 -5.17 -6.22 -18.82
N GLY A 131 -6.12 -5.77 -19.63
CA GLY A 131 -6.10 -4.44 -20.19
C GLY A 131 -7.05 -3.49 -19.49
N THR A 132 -7.59 -2.54 -20.26
CA THR A 132 -8.46 -1.52 -19.71
C THR A 132 -9.65 -2.15 -18.98
N SER A 133 -10.34 -1.33 -18.19
CA SER A 133 -11.53 -1.81 -17.51
C SER A 133 -12.60 -2.26 -18.49
N GLU A 134 -12.63 -1.65 -19.68
CA GLU A 134 -13.63 -2.04 -20.68
C GLU A 134 -13.34 -3.44 -21.22
N GLN A 135 -12.07 -3.78 -21.41
CA GLN A 135 -11.73 -5.10 -21.92
C GLN A 135 -11.96 -6.17 -20.87
N THR A 136 -11.60 -5.89 -19.62
CA THR A 136 -11.94 -6.80 -18.53
C THR A 136 -13.45 -6.97 -18.43
N LYS A 137 -14.20 -5.88 -18.64
CA LYS A 137 -15.66 -5.98 -18.62
C LYS A 137 -16.16 -6.87 -19.75
N ALA A 138 -15.52 -6.79 -20.92
CA ALA A 138 -15.87 -7.70 -22.01
C ALA A 138 -15.66 -9.15 -21.59
N VAL A 139 -14.49 -9.44 -21.00
CA VAL A 139 -14.21 -10.80 -20.55
C VAL A 139 -15.27 -11.26 -19.55
N VAL A 140 -15.62 -10.40 -18.61
CA VAL A 140 -16.60 -10.78 -17.58
C VAL A 140 -17.97 -10.99 -18.21
N ASP A 141 -18.36 -10.14 -19.15
CA ASP A 141 -19.64 -10.29 -19.83
C ASP A 141 -19.70 -11.55 -20.68
N GLY A 142 -18.55 -12.07 -21.12
CA GLY A 142 -18.53 -13.33 -21.83
C GLY A 142 -18.91 -14.53 -20.99
N GLY A 143 -19.04 -14.37 -19.68
CA GLY A 143 -19.33 -15.49 -18.80
C GLY A 143 -18.09 -16.25 -18.34
N ALA A 144 -16.95 -15.57 -18.22
CA ALA A 144 -15.68 -16.25 -18.01
C ALA A 144 -15.45 -16.63 -16.55
N ILE A 145 -16.06 -15.92 -15.61
CA ILE A 145 -15.77 -16.15 -14.20
C ILE A 145 -16.12 -17.58 -13.78
N PRO A 146 -17.35 -18.05 -13.97
CA PRO A 146 -17.66 -19.44 -13.56
C PRO A 146 -16.86 -20.48 -14.32
N ALA A 147 -16.55 -20.24 -15.59
CA ALA A 147 -15.74 -21.20 -16.35
C ALA A 147 -14.33 -21.31 -15.76
N PHE A 148 -13.72 -20.17 -15.43
CA PHE A 148 -12.40 -20.21 -14.80
C PHE A 148 -12.45 -20.87 -13.43
N ILE A 149 -13.51 -20.59 -12.66
CA ILE A 149 -13.63 -21.21 -11.34
C ILE A 149 -13.77 -22.72 -11.48
N SER A 150 -14.48 -23.17 -12.51
CA SER A 150 -14.55 -24.60 -12.78
C SER A 150 -13.18 -25.16 -13.16
N LEU A 151 -12.43 -24.43 -13.98
CA LEU A 151 -11.10 -24.90 -14.39
C LEU A 151 -10.14 -24.98 -13.21
N LEU A 152 -10.37 -24.18 -12.17
CA LEU A 152 -9.47 -24.19 -11.02
C LEU A 152 -9.18 -25.61 -10.52
N ALA A 153 -10.12 -26.52 -10.70
CA ALA A 153 -9.98 -27.90 -10.23
C ALA A 153 -9.52 -28.86 -11.32
N SER A 154 -8.91 -28.34 -12.39
CA SER A 154 -8.49 -29.19 -13.48
C SER A 154 -7.36 -30.13 -13.02
N PRO A 155 -7.30 -31.35 -13.57
CA PRO A 155 -6.16 -32.22 -13.26
C PRO A 155 -4.86 -31.75 -13.85
N HIS A 156 -4.89 -30.82 -14.79
CA HIS A 156 -3.68 -30.28 -15.41
C HIS A 156 -3.32 -28.96 -14.71
N ALA A 157 -2.08 -28.88 -14.24
CA ALA A 157 -1.69 -27.78 -13.36
C ALA A 157 -1.62 -26.46 -14.12
N HIS A 158 -1.16 -26.48 -15.37
CA HIS A 158 -1.01 -25.22 -16.10
C HIS A 158 -2.37 -24.58 -16.39
N ILE A 159 -3.40 -25.40 -16.62
CA ILE A 159 -4.74 -24.85 -16.84
C ILE A 159 -5.25 -24.15 -15.57
N SER A 160 -5.08 -24.80 -14.42
CA SER A 160 -5.54 -24.20 -13.17
C SER A 160 -4.75 -22.93 -12.86
N GLU A 161 -3.44 -22.93 -13.14
CA GLU A 161 -2.65 -21.72 -12.92
C GLU A 161 -3.13 -20.58 -13.82
N GLN A 162 -3.47 -20.90 -15.08
CA GLN A 162 -3.99 -19.87 -15.97
C GLN A 162 -5.32 -19.34 -15.47
N ALA A 163 -6.16 -20.22 -14.92
CA ALA A 163 -7.43 -19.77 -14.35
C ALA A 163 -7.20 -18.83 -13.17
N VAL A 164 -6.25 -19.19 -12.29
CA VAL A 164 -5.90 -18.31 -11.17
C VAL A 164 -5.47 -16.95 -11.70
N TRP A 165 -4.63 -16.94 -12.74
CA TRP A 165 -4.14 -15.70 -13.33
C TRP A 165 -5.31 -14.84 -13.83
N ALA A 166 -6.22 -15.45 -14.58
CA ALA A 166 -7.32 -14.70 -15.16
C ALA A 166 -8.22 -14.11 -14.07
N LEU A 167 -8.57 -14.93 -13.08
CA LEU A 167 -9.42 -14.44 -11.99
C LEU A 167 -8.71 -13.33 -11.22
N GLY A 168 -7.39 -13.43 -11.08
CA GLY A 168 -6.65 -12.36 -10.44
C GLY A 168 -6.78 -11.05 -11.18
N ASN A 169 -6.61 -11.09 -12.51
CA ASN A 169 -6.79 -9.88 -13.31
C ASN A 169 -8.20 -9.30 -13.12
N ILE A 170 -9.21 -10.16 -13.26
CA ILE A 170 -10.59 -9.69 -13.15
C ILE A 170 -10.82 -9.01 -11.80
N ALA A 171 -10.38 -9.66 -10.72
CA ALA A 171 -10.56 -9.06 -9.39
C ALA A 171 -9.77 -7.78 -9.26
N GLY A 172 -8.58 -7.72 -9.87
CA GLY A 172 -7.79 -6.52 -9.81
C GLY A 172 -8.39 -5.34 -10.54
N ASP A 173 -9.36 -5.60 -11.43
CA ASP A 173 -10.06 -4.48 -12.06
C ASP A 173 -10.56 -3.47 -11.02
N GLY A 174 -11.28 -3.93 -10.01
CA GLY A 174 -11.81 -3.02 -9.02
C GLY A 174 -12.71 -3.74 -8.03
N SER A 175 -13.38 -2.93 -7.21
CA SER A 175 -14.18 -3.48 -6.11
C SER A 175 -15.34 -4.32 -6.63
N ALA A 176 -16.06 -3.82 -7.65
CA ALA A 176 -17.23 -4.51 -8.13
C ALA A 176 -16.87 -5.90 -8.66
N PHE A 177 -15.88 -5.98 -9.56
CA PHE A 177 -15.49 -7.26 -10.11
C PHE A 177 -14.86 -8.16 -9.04
N ARG A 178 -14.16 -7.58 -8.07
CA ARG A 178 -13.64 -8.36 -6.95
C ARG A 178 -14.79 -9.05 -6.22
N ASP A 179 -15.80 -8.28 -5.82
CA ASP A 179 -16.95 -8.86 -5.12
C ASP A 179 -17.69 -9.86 -6.00
N LEU A 180 -17.72 -9.63 -7.32
CA LEU A 180 -18.39 -10.57 -8.21
C LEU A 180 -17.64 -11.90 -8.28
N VAL A 181 -16.31 -11.84 -8.38
CA VAL A 181 -15.51 -13.05 -8.35
C VAL A 181 -15.73 -13.80 -7.04
N ILE A 182 -15.83 -13.05 -5.93
CA ILE A 182 -16.06 -13.70 -4.64
C ILE A 182 -17.44 -14.36 -4.60
N LYS A 183 -18.45 -13.70 -5.18
CA LYS A 183 -19.80 -14.26 -5.14
C LYS A 183 -19.91 -15.54 -5.93
N HIS A 184 -19.15 -15.68 -7.02
CA HIS A 184 -19.20 -16.91 -7.81
C HIS A 184 -18.55 -18.09 -7.10
N GLY A 185 -17.81 -17.86 -6.01
CA GLY A 185 -17.27 -18.95 -5.22
C GLY A 185 -15.86 -19.37 -5.61
N ALA A 186 -14.96 -18.40 -5.76
CA ALA A 186 -13.59 -18.70 -6.15
C ALA A 186 -12.67 -18.95 -4.95
N ILE A 187 -13.01 -18.38 -3.79
CA ILE A 187 -12.12 -18.47 -2.64
C ILE A 187 -11.94 -19.92 -2.21
N ASP A 188 -13.03 -20.70 -2.18
CA ASP A 188 -12.92 -22.10 -1.78
C ASP A 188 -11.93 -22.86 -2.64
N PRO A 189 -12.10 -22.95 -3.97
CA PRO A 189 -11.12 -23.71 -4.76
C PRO A 189 -9.72 -23.09 -4.73
N LEU A 190 -9.63 -21.77 -4.75
CA LEU A 190 -8.31 -21.13 -4.67
C LEU A 190 -7.56 -21.59 -3.42
N LEU A 191 -8.18 -21.47 -2.25
CA LEU A 191 -7.53 -21.89 -1.02
C LEU A 191 -7.32 -23.40 -0.97
N ALA A 192 -8.19 -24.16 -1.65
CA ALA A 192 -7.98 -25.60 -1.73
C ALA A 192 -6.71 -25.93 -2.50
N LEU A 193 -6.36 -25.09 -3.48
CA LEU A 193 -5.11 -25.32 -4.21
C LEU A 193 -3.89 -25.19 -3.29
N LEU A 194 -3.99 -24.36 -2.25
CA LEU A 194 -2.88 -24.11 -1.34
C LEU A 194 -2.92 -24.97 -0.09
N ALA A 195 -3.90 -25.88 0.03
CA ALA A 195 -4.04 -26.71 1.22
C ALA A 195 -3.12 -27.91 1.10
N VAL A 196 -1.84 -27.67 1.38
CA VAL A 196 -0.82 -28.71 1.35
C VAL A 196 -0.02 -28.66 2.65
N PRO A 197 0.58 -29.78 3.04
CA PRO A 197 1.41 -29.76 4.26
C PRO A 197 2.54 -28.75 4.19
N ASP A 198 3.27 -28.72 3.07
CA ASP A 198 4.39 -27.81 2.89
C ASP A 198 4.22 -27.10 1.56
N LEU A 199 4.14 -25.76 1.61
CA LEU A 199 4.01 -24.97 0.38
C LEU A 199 5.20 -25.18 -0.55
N SER A 200 6.31 -25.70 -0.05
CA SER A 200 7.49 -25.89 -0.89
C SER A 200 7.27 -26.94 -1.97
N THR A 201 6.32 -27.86 -1.78
CA THR A 201 6.04 -28.86 -2.80
C THR A 201 5.39 -28.26 -4.04
N LEU A 202 4.74 -27.10 -3.91
CA LEU A 202 4.12 -26.45 -5.04
C LEU A 202 5.17 -25.74 -5.89
N ALA A 203 4.86 -25.56 -7.17
CA ALA A 203 5.76 -24.87 -8.07
C ALA A 203 5.82 -23.38 -7.73
N CYS A 204 6.98 -22.79 -7.96
CA CYS A 204 7.20 -21.40 -7.59
C CYS A 204 6.21 -20.47 -8.28
N GLY A 205 6.08 -20.59 -9.61
CA GLY A 205 5.19 -19.70 -10.34
C GLY A 205 3.73 -19.89 -9.95
N TYR A 206 3.32 -21.14 -9.76
CA TYR A 206 1.96 -21.42 -9.31
C TYR A 206 1.66 -20.68 -8.01
N LEU A 207 2.56 -20.80 -7.03
CA LEU A 207 2.35 -20.18 -5.73
C LEU A 207 2.37 -18.66 -5.84
N ARG A 208 3.28 -18.12 -6.66
CA ARG A 208 3.32 -16.67 -6.84
C ARG A 208 2.03 -16.15 -7.43
N ASN A 209 1.50 -16.82 -8.44
CA ASN A 209 0.25 -16.39 -9.07
C ASN A 209 -0.91 -16.49 -8.08
N LEU A 210 -0.97 -17.57 -7.30
CA LEU A 210 -2.02 -17.69 -6.29
C LEU A 210 -1.95 -16.57 -5.27
N THR A 211 -0.73 -16.27 -4.79
CA THR A 211 -0.58 -15.20 -3.81
C THR A 211 -1.00 -13.86 -4.38
N TRP A 212 -0.62 -13.56 -5.62
CA TRP A 212 -0.99 -12.29 -6.23
C TRP A 212 -2.51 -12.20 -6.44
N THR A 213 -3.13 -13.30 -6.87
CA THR A 213 -4.58 -13.30 -7.02
C THR A 213 -5.28 -13.03 -5.68
N LEU A 214 -4.83 -13.67 -4.61
CA LEU A 214 -5.42 -13.40 -3.30
C LEU A 214 -5.18 -11.96 -2.88
N SER A 215 -3.98 -11.42 -3.16
CA SER A 215 -3.71 -10.03 -2.82
C SER A 215 -4.68 -9.10 -3.52
N ASN A 216 -5.02 -9.40 -4.77
CA ASN A 216 -6.02 -8.59 -5.47
C ASN A 216 -7.41 -8.79 -4.87
N LEU A 217 -7.71 -10.01 -4.41
CA LEU A 217 -8.98 -10.24 -3.73
C LEU A 217 -9.07 -9.48 -2.41
N CYS A 218 -7.94 -9.06 -1.85
CA CYS A 218 -7.91 -8.24 -0.65
C CYS A 218 -7.81 -6.75 -0.94
N ARG A 219 -7.79 -6.36 -2.21
CA ARG A 219 -7.41 -5.02 -2.64
C ARG A 219 -8.64 -4.14 -2.86
N ASN A 220 -8.38 -2.83 -2.96
CA ASN A 220 -9.38 -1.82 -3.31
C ASN A 220 -10.31 -1.48 -2.16
N LYS A 221 -10.93 -0.29 -2.23
CA LYS A 221 -11.82 0.22 -1.19
C LYS A 221 -13.05 0.82 -1.86
N ASN A 222 -13.97 1.30 -1.02
CA ASN A 222 -15.20 1.92 -1.48
C ASN A 222 -15.97 1.00 -2.43
N PRO A 223 -16.45 -0.15 -1.94
CA PRO A 223 -16.33 -0.67 -0.57
C PRO A 223 -15.08 -1.52 -0.38
N ALA A 224 -14.74 -1.84 0.86
CA ALA A 224 -13.64 -2.75 1.15
C ALA A 224 -14.11 -4.19 0.97
N PRO A 225 -13.19 -5.15 0.91
CA PRO A 225 -13.60 -6.53 0.68
C PRO A 225 -14.57 -6.98 1.75
N PRO A 226 -15.48 -7.89 1.42
CA PRO A 226 -16.41 -8.39 2.44
C PRO A 226 -15.67 -9.04 3.60
N LEU A 227 -16.15 -8.76 4.81
CA LEU A 227 -15.46 -9.22 6.02
C LEU A 227 -15.36 -10.74 6.06
N ASP A 228 -16.43 -11.44 5.69
CA ASP A 228 -16.39 -12.90 5.69
C ASP A 228 -15.29 -13.42 4.77
N ALA A 229 -15.12 -12.79 3.60
CA ALA A 229 -14.08 -13.22 2.68
C ALA A 229 -12.69 -12.97 3.27
N VAL A 230 -12.51 -11.83 3.95
CA VAL A 230 -11.23 -11.54 4.58
C VAL A 230 -10.92 -12.59 5.65
N GLU A 231 -11.93 -12.97 6.44
CA GLU A 231 -11.72 -13.98 7.46
C GLU A 231 -11.41 -15.34 6.84
N GLN A 232 -12.04 -15.63 5.70
CA GLN A 232 -11.78 -16.90 5.02
C GLN A 232 -10.38 -16.93 4.43
N ILE A 233 -9.84 -15.78 4.04
CA ILE A 233 -8.54 -15.73 3.37
C ILE A 233 -7.38 -15.56 4.35
N LEU A 234 -7.60 -14.94 5.50
CA LEU A 234 -6.47 -14.51 6.33
C LEU A 234 -5.58 -15.67 6.78
N PRO A 235 -6.08 -16.84 7.15
CA PRO A 235 -5.15 -17.91 7.59
C PRO A 235 -4.14 -18.28 6.52
N THR A 236 -4.60 -18.48 5.28
CA THR A 236 -3.67 -18.79 4.20
C THR A 236 -2.73 -17.62 3.94
N LEU A 237 -3.20 -16.39 4.11
CA LEU A 237 -2.31 -15.24 3.93
C LEU A 237 -1.21 -15.24 4.99
N VAL A 238 -1.54 -15.61 6.23
CA VAL A 238 -0.51 -15.69 7.27
C VAL A 238 0.47 -16.81 6.93
N ARG A 239 -0.02 -17.95 6.46
CA ARG A 239 0.88 -19.03 6.08
C ARG A 239 1.80 -18.62 4.94
N LEU A 240 1.29 -17.79 4.01
CA LEU A 240 2.11 -17.32 2.90
C LEU A 240 3.09 -16.24 3.35
N LEU A 241 2.74 -15.47 4.39
CA LEU A 241 3.64 -14.46 4.92
C LEU A 241 4.87 -15.06 5.57
N HIS A 242 4.86 -16.37 5.84
CA HIS A 242 6.00 -17.07 6.41
C HIS A 242 6.77 -17.87 5.36
N HIS A 243 6.42 -17.73 4.09
CA HIS A 243 7.14 -18.43 3.04
C HIS A 243 8.45 -17.71 2.73
N ASN A 244 9.35 -18.42 2.06
CA ASN A 244 10.70 -17.94 1.82
C ASN A 244 10.88 -17.25 0.47
N ASP A 245 9.92 -17.36 -0.44
CA ASP A 245 10.07 -16.73 -1.74
C ASP A 245 9.85 -15.22 -1.62
N PRO A 246 10.76 -14.39 -2.15
CA PRO A 246 10.59 -12.94 -1.98
C PRO A 246 9.31 -12.39 -2.60
N GLU A 247 8.90 -12.93 -3.76
CA GLU A 247 7.72 -12.38 -4.42
C GLU A 247 6.45 -12.74 -3.66
N VAL A 248 6.36 -13.98 -3.16
CA VAL A 248 5.24 -14.36 -2.31
C VAL A 248 5.18 -13.44 -1.09
N LEU A 249 6.33 -13.17 -0.48
CA LEU A 249 6.35 -12.31 0.70
C LEU A 249 5.88 -10.90 0.36
N ALA A 250 6.34 -10.35 -0.76
CA ALA A 250 5.95 -8.98 -1.12
C ALA A 250 4.45 -8.91 -1.41
N ASP A 251 3.91 -9.90 -2.13
CA ASP A 251 2.48 -9.89 -2.42
C ASP A 251 1.66 -10.04 -1.15
N SER A 252 2.10 -10.91 -0.23
CA SER A 252 1.37 -11.06 1.04
C SER A 252 1.42 -9.78 1.85
N CYS A 253 2.58 -9.10 1.86
CA CYS A 253 2.67 -7.84 2.57
C CYS A 253 1.77 -6.77 1.95
N TRP A 254 1.67 -6.75 0.62
CA TRP A 254 0.75 -5.81 -0.02
C TRP A 254 -0.70 -6.12 0.34
N ALA A 255 -1.04 -7.41 0.40
CA ALA A 255 -2.40 -7.79 0.80
C ALA A 255 -2.70 -7.31 2.22
N ILE A 256 -1.75 -7.54 3.14
CA ILE A 256 -1.94 -7.06 4.51
C ILE A 256 -2.03 -5.54 4.55
N SER A 257 -1.26 -4.87 3.69
CA SER A 257 -1.34 -3.41 3.59
C SER A 257 -2.74 -2.97 3.20
N TYR A 258 -3.30 -3.60 2.16
CA TYR A 258 -4.65 -3.28 1.75
C TYR A 258 -5.64 -3.52 2.89
N LEU A 259 -5.50 -4.64 3.59
CA LEU A 259 -6.43 -4.98 4.66
C LEU A 259 -6.30 -4.07 5.87
N THR A 260 -5.14 -3.45 6.07
CA THR A 260 -4.93 -2.54 7.19
C THR A 260 -5.35 -1.10 6.89
N ASP A 261 -5.66 -0.78 5.65
CA ASP A 261 -6.07 0.56 5.26
C ASP A 261 -7.57 0.68 5.42
N GLY A 262 -8.01 1.40 6.46
CA GLY A 262 -9.41 1.56 6.75
C GLY A 262 -9.67 1.74 8.23
N PRO A 263 -10.89 1.41 8.67
CA PRO A 263 -11.23 1.59 10.09
C PRO A 263 -10.43 0.67 10.99
N ASN A 264 -10.44 1.01 12.28
CA ASN A 264 -9.67 0.25 13.27
C ASN A 264 -10.18 -1.18 13.43
N GLU A 265 -11.40 -1.47 12.99
CA GLU A 265 -11.92 -2.83 13.09
C GLU A 265 -11.22 -3.77 12.11
N ARG A 266 -10.97 -3.28 10.89
CA ARG A 266 -10.20 -4.08 9.92
C ARG A 266 -8.77 -4.28 10.42
N ILE A 267 -8.14 -3.21 10.92
CA ILE A 267 -6.83 -3.32 11.52
C ILE A 267 -6.84 -4.38 12.61
N GLU A 268 -7.90 -4.40 13.42
CA GLU A 268 -7.98 -5.38 14.50
C GLU A 268 -8.11 -6.80 13.94
N MET A 269 -8.91 -6.97 12.89
CA MET A 269 -8.96 -8.27 12.21
C MET A 269 -7.55 -8.75 11.87
N VAL A 270 -6.76 -7.88 11.25
CA VAL A 270 -5.43 -8.30 10.80
C VAL A 270 -4.54 -8.58 12.01
N VAL A 271 -4.57 -7.71 13.02
CA VAL A 271 -3.63 -7.82 14.13
C VAL A 271 -3.95 -9.04 14.99
N LYS A 272 -5.23 -9.39 15.12
CA LYS A 272 -5.60 -10.55 15.93
C LYS A 272 -4.94 -11.83 15.41
N LYS A 273 -4.66 -11.89 14.10
CA LYS A 273 -3.95 -13.02 13.54
C LYS A 273 -2.48 -13.06 13.94
N GLY A 274 -2.00 -12.05 14.66
CA GLY A 274 -0.63 -12.05 15.15
C GLY A 274 0.42 -12.02 14.07
N VAL A 275 0.29 -11.08 13.13
CA VAL A 275 1.23 -10.97 12.02
C VAL A 275 2.18 -9.80 12.18
N VAL A 276 2.07 -9.04 13.26
CA VAL A 276 2.84 -7.81 13.42
C VAL A 276 4.32 -8.12 13.58
N PRO A 277 4.70 -9.13 14.37
CA PRO A 277 6.13 -9.47 14.45
C PRO A 277 6.74 -9.84 13.10
N GLN A 278 6.02 -10.63 12.30
CA GLN A 278 6.52 -10.99 10.97
C GLN A 278 6.61 -9.75 10.09
N LEU A 279 5.65 -8.83 10.23
CA LEU A 279 5.71 -7.60 9.44
C LEU A 279 6.93 -6.77 9.82
N VAL A 280 7.28 -6.73 11.11
CA VAL A 280 8.49 -6.02 11.52
C VAL A 280 9.73 -6.71 10.95
N LYS A 281 9.80 -8.03 11.08
CA LYS A 281 10.91 -8.78 10.51
C LYS A 281 11.10 -8.43 9.05
N LEU A 282 10.01 -8.45 8.28
CA LEU A 282 10.10 -8.10 6.85
C LEU A 282 10.45 -6.63 6.67
N LEU A 283 10.01 -5.77 7.57
CA LEU A 283 10.45 -4.38 7.57
C LEU A 283 11.97 -4.31 7.62
N GLY A 284 12.60 -5.27 8.28
CA GLY A 284 14.05 -5.33 8.32
C GLY A 284 14.68 -6.06 7.14
N ALA A 285 13.92 -6.26 6.07
CA ALA A 285 14.41 -7.04 4.94
C ALA A 285 15.33 -6.22 4.06
N THR A 286 16.12 -6.92 3.24
CA THR A 286 17.03 -6.26 2.31
C THR A 286 16.34 -5.84 1.02
N GLU A 287 15.35 -6.61 0.57
CA GLU A 287 14.66 -6.34 -0.68
C GLU A 287 13.64 -5.24 -0.49
N LEU A 288 13.85 -4.11 -1.15
CA LEU A 288 12.87 -3.02 -1.12
C LEU A 288 11.46 -3.45 -1.49
N PRO A 289 11.26 -4.31 -2.49
CA PRO A 289 9.89 -4.77 -2.77
C PRO A 289 9.18 -5.38 -1.57
N ILE A 290 9.93 -5.83 -0.57
CA ILE A 290 9.32 -6.37 0.65
C ILE A 290 9.18 -5.30 1.71
N VAL A 291 10.17 -4.42 1.83
CA VAL A 291 10.15 -3.41 2.89
C VAL A 291 9.05 -2.39 2.63
N THR A 292 8.87 -1.97 1.38
CA THR A 292 7.84 -0.98 1.08
C THR A 292 6.46 -1.41 1.55
N PRO A 293 5.92 -2.57 1.13
CA PRO A 293 4.60 -2.97 1.61
C PRO A 293 4.56 -3.20 3.11
N ALA A 294 5.62 -3.75 3.69
CA ALA A 294 5.64 -3.97 5.14
C ALA A 294 5.57 -2.64 5.89
N LEU A 295 6.32 -1.64 5.43
CA LEU A 295 6.26 -0.33 6.07
C LEU A 295 4.88 0.29 5.92
N ARG A 296 4.28 0.18 4.74
CA ARG A 296 2.93 0.70 4.56
C ARG A 296 1.95 0.04 5.50
N ALA A 297 2.05 -1.28 5.66
CA ALA A 297 1.15 -2.01 6.55
C ALA A 297 1.34 -1.57 7.99
N ILE A 298 2.60 -1.45 8.44
CA ILE A 298 2.86 -1.03 9.82
C ILE A 298 2.31 0.37 10.05
N GLY A 299 2.49 1.28 9.08
CA GLY A 299 1.94 2.61 9.21
C GLY A 299 0.43 2.61 9.33
N ASN A 300 -0.23 1.85 8.44
CA ASN A 300 -1.69 1.75 8.53
C ASN A 300 -2.13 1.19 9.87
N ILE A 301 -1.35 0.25 10.43
CA ILE A 301 -1.70 -0.32 11.72
C ILE A 301 -1.58 0.75 12.81
N VAL A 302 -0.55 1.59 12.74
CA VAL A 302 -0.38 2.62 13.78
C VAL A 302 -1.27 3.82 13.55
N THR A 303 -2.01 3.89 12.45
CA THR A 303 -3.01 4.95 12.30
C THR A 303 -4.24 4.73 13.17
N GLY A 304 -4.34 3.58 13.85
CA GLY A 304 -5.54 3.26 14.60
C GLY A 304 -5.45 3.55 16.09
N THR A 305 -5.89 2.60 16.91
CA THR A 305 -5.91 2.79 18.35
C THR A 305 -4.49 2.81 18.90
N ASP A 306 -4.36 3.34 20.11
CA ASP A 306 -3.06 3.38 20.76
C ASP A 306 -2.58 1.98 21.13
N GLU A 307 -3.50 1.04 21.33
CA GLU A 307 -3.09 -0.32 21.66
C GLU A 307 -2.52 -1.05 20.45
N GLN A 308 -3.04 -0.78 19.26
CA GLN A 308 -2.45 -1.35 18.05
C GLN A 308 -1.07 -0.75 17.77
N THR A 309 -0.95 0.56 17.90
CA THR A 309 0.35 1.20 17.80
C THR A 309 1.32 0.62 18.83
N GLN A 310 0.82 0.30 20.01
CA GLN A 310 1.67 -0.26 21.05
C GLN A 310 2.08 -1.70 20.72
N LYS A 311 1.20 -2.46 20.06
CA LYS A 311 1.59 -3.79 19.59
C LYS A 311 2.70 -3.68 18.55
N VAL A 312 2.59 -2.70 17.65
CA VAL A 312 3.68 -2.43 16.72
C VAL A 312 4.98 -2.16 17.47
N ILE A 313 4.91 -1.26 18.46
CA ILE A 313 6.11 -0.89 19.21
C ILE A 313 6.71 -2.10 19.90
N ASP A 314 5.86 -2.92 20.55
CA ASP A 314 6.34 -4.12 21.23
C ASP A 314 6.98 -5.09 20.25
N ALA A 315 6.51 -5.13 19.01
CA ALA A 315 7.15 -5.98 18.00
C ALA A 315 8.59 -5.57 17.74
N GLY A 316 8.97 -4.35 18.10
CA GLY A 316 10.32 -3.87 17.89
C GLY A 316 10.50 -2.97 16.67
N ALA A 317 9.43 -2.34 16.19
CA ALA A 317 9.51 -1.59 14.94
C ALA A 317 10.44 -0.39 15.06
N LEU A 318 10.43 0.28 16.22
CA LEU A 318 11.21 1.51 16.36
C LEU A 318 12.69 1.26 16.07
N ALA A 319 13.20 0.09 16.46
CA ALA A 319 14.60 -0.20 16.24
C ALA A 319 14.99 -0.09 14.77
N VAL A 320 14.03 -0.28 13.86
CA VAL A 320 14.34 -0.22 12.44
C VAL A 320 14.34 1.19 11.89
N PHE A 321 13.75 2.15 12.61
CA PHE A 321 13.50 3.46 12.01
C PHE A 321 14.76 4.31 11.82
N PRO A 322 15.81 4.14 12.63
CA PRO A 322 17.05 4.88 12.33
C PRO A 322 17.51 4.69 10.89
N SER A 323 17.31 3.51 10.33
CA SER A 323 17.69 3.27 8.93
C SER A 323 16.59 3.71 7.97
N LEU A 324 15.31 3.61 8.38
CA LEU A 324 14.23 4.04 7.51
C LEU A 324 14.20 5.56 7.37
N LEU A 325 14.44 6.28 8.46
CA LEU A 325 14.45 7.74 8.43
C LEU A 325 15.68 8.30 7.75
N THR A 326 16.68 7.47 7.44
CA THR A 326 17.81 7.84 6.60
C THR A 326 17.85 7.04 5.31
N ASN A 327 16.78 6.32 4.98
CA ASN A 327 16.80 5.45 3.84
C ASN A 327 17.04 6.25 2.56
N PRO A 328 17.85 5.74 1.64
CA PRO A 328 18.12 6.51 0.40
C PRO A 328 16.87 6.75 -0.44
N LYS A 329 15.88 5.86 -0.36
CA LYS A 329 14.66 6.01 -1.15
C LYS A 329 13.75 7.04 -0.49
N THR A 330 13.38 8.07 -1.26
CA THR A 330 12.58 9.16 -0.71
C THR A 330 11.25 8.66 -0.17
N ASN A 331 10.61 7.71 -0.87
CA ASN A 331 9.32 7.22 -0.41
C ASN A 331 9.43 6.51 0.93
N ILE A 332 10.50 5.74 1.13
CA ILE A 332 10.69 5.07 2.41
C ILE A 332 10.81 6.10 3.52
N GLN A 333 11.61 7.15 3.30
CA GLN A 333 11.76 8.20 4.31
C GLN A 333 10.42 8.88 4.59
N LYS A 334 9.66 9.19 3.54
CA LYS A 334 8.38 9.86 3.73
C LYS A 334 7.43 9.00 4.55
N GLU A 335 7.31 7.72 4.19
CA GLU A 335 6.40 6.83 4.91
C GLU A 335 6.86 6.65 6.35
N ALA A 336 8.17 6.55 6.57
CA ALA A 336 8.68 6.40 7.93
C ALA A 336 8.40 7.64 8.76
N THR A 337 8.55 8.83 8.18
CA THR A 337 8.29 10.05 8.91
C THR A 337 6.80 10.21 9.21
N TRP A 338 5.94 9.78 8.27
CA TRP A 338 4.50 9.82 8.53
C TRP A 338 4.11 8.85 9.64
N THR A 339 4.71 7.65 9.63
CA THR A 339 4.50 6.71 10.73
C THR A 339 4.96 7.32 12.04
N MET A 340 6.11 8.01 12.04
CA MET A 340 6.58 8.68 13.25
C MET A 340 5.61 9.76 13.70
N SER A 341 5.01 10.48 12.75
CA SER A 341 4.05 11.52 13.10
C SER A 341 2.82 10.92 13.75
N ASN A 342 2.35 9.78 13.26
CA ASN A 342 1.20 9.13 13.87
C ASN A 342 1.56 8.41 15.17
N ILE A 343 2.84 8.15 15.41
CA ILE A 343 3.24 7.57 16.69
C ILE A 343 3.42 8.66 17.75
N THR A 344 3.92 9.84 17.36
CA THR A 344 4.04 10.95 18.28
C THR A 344 2.69 11.54 18.65
N ALA A 345 1.63 11.20 17.92
CA ALA A 345 0.28 11.62 18.28
C ALA A 345 -0.36 10.71 19.31
N GLY A 346 0.35 9.68 19.78
CA GLY A 346 -0.17 8.72 20.73
C GLY A 346 0.07 9.14 22.16
N ARG A 347 0.17 8.14 23.04
CA ARG A 347 0.35 8.37 24.46
C ARG A 347 1.72 8.97 24.74
N GLN A 348 1.82 9.68 25.88
CA GLN A 348 3.11 10.19 26.32
C GLN A 348 4.09 9.07 26.61
N ASP A 349 3.59 7.90 27.00
CA ASP A 349 4.44 6.72 27.12
C ASP A 349 5.03 6.35 25.75
N GLN A 350 4.22 6.45 24.70
CA GLN A 350 4.72 6.13 23.36
C GLN A 350 5.65 7.21 22.84
N ILE A 351 5.38 8.47 23.17
CA ILE A 351 6.32 9.55 22.85
C ILE A 351 7.65 9.30 23.56
N GLN A 352 7.58 8.84 24.81
CA GLN A 352 8.80 8.55 25.57
C GLN A 352 9.53 7.35 24.99
N GLN A 353 8.81 6.40 24.40
CA GLN A 353 9.47 5.29 23.71
C GLN A 353 10.14 5.76 22.42
N VAL A 354 9.50 6.71 21.72
CA VAL A 354 10.17 7.35 20.58
C VAL A 354 11.47 8.00 21.04
N VAL A 355 11.43 8.66 22.19
CA VAL A 355 12.63 9.32 22.71
C VAL A 355 13.71 8.29 23.05
N ASN A 356 13.32 7.24 23.78
CA ASN A 356 14.31 6.27 24.27
C ASN A 356 15.08 5.63 23.13
N HIS A 357 14.42 5.38 21.99
CA HIS A 357 15.08 4.79 20.84
C HIS A 357 15.95 5.78 20.08
N GLY A 358 16.11 7.00 20.60
CA GLY A 358 16.98 7.97 19.96
C GLY A 358 16.51 8.43 18.60
N LEU A 359 15.20 8.52 18.39
CA LEU A 359 14.64 8.89 17.10
C LEU A 359 14.36 10.38 16.98
N VAL A 360 14.51 11.15 18.05
CA VAL A 360 14.26 12.59 18.00
C VAL A 360 15.36 13.26 17.18
N PRO A 361 16.63 12.92 17.38
CA PRO A 361 17.67 13.49 16.50
C PRO A 361 17.45 13.17 15.04
N PHE A 362 16.92 11.98 14.72
CA PHE A 362 16.63 11.66 13.33
C PHE A 362 15.52 12.53 12.77
N LEU A 363 14.51 12.83 13.59
CA LEU A 363 13.47 13.76 13.16
C LEU A 363 14.04 15.15 12.95
N VAL A 364 14.93 15.59 13.84
CA VAL A 364 15.60 16.88 13.65
C VAL A 364 16.35 16.89 12.33
N GLY A 365 17.06 15.80 12.02
CA GLY A 365 17.78 15.72 10.77
C GLY A 365 16.86 15.81 9.57
N VAL A 366 15.81 15.00 9.55
CA VAL A 366 14.84 15.06 8.46
C VAL A 366 14.30 16.48 8.31
N LEU A 367 14.03 17.14 9.42
CA LEU A 367 13.55 18.52 9.37
C LEU A 367 14.62 19.45 8.83
N SER A 368 15.90 19.10 8.98
CA SER A 368 16.97 19.97 8.53
C SER A 368 17.25 19.79 7.04
N LYS A 369 17.17 18.55 6.53
CA LYS A 369 17.47 18.28 5.14
C LYS A 369 16.71 17.03 4.71
N ALA A 370 15.80 17.20 3.76
CA ALA A 370 15.00 16.10 3.22
C ALA A 370 14.11 16.67 2.12
N ASP A 371 13.42 15.78 1.42
CA ASP A 371 12.43 16.22 0.46
C ASP A 371 11.34 17.01 1.18
N PHE A 372 10.80 18.01 0.48
CA PHE A 372 9.86 18.92 1.12
C PHE A 372 8.67 18.19 1.73
N LYS A 373 8.22 17.10 1.10
CA LYS A 373 7.10 16.36 1.67
C LYS A 373 7.51 15.63 2.94
N THR A 374 8.72 15.05 2.96
CA THR A 374 9.23 14.46 4.18
C THR A 374 9.39 15.52 5.27
N GLN A 375 9.81 16.72 4.89
CA GLN A 375 9.91 17.81 5.86
C GLN A 375 8.55 18.20 6.41
N LYS A 376 7.53 18.16 5.55
CA LYS A 376 6.17 18.45 6.00
C LYS A 376 5.70 17.41 7.00
N GLU A 377 5.94 16.13 6.70
CA GLU A 377 5.61 15.07 7.65
C GLU A 377 6.38 15.24 8.95
N ALA A 378 7.63 15.69 8.88
CA ALA A 378 8.42 15.89 10.09
C ALA A 378 7.86 17.04 10.92
N ALA A 379 7.45 18.12 10.27
CA ALA A 379 6.80 19.21 10.99
C ALA A 379 5.52 18.74 11.66
N TRP A 380 4.74 17.91 10.96
CA TRP A 380 3.55 17.34 11.59
C TRP A 380 3.92 16.52 12.82
N ALA A 381 4.96 15.69 12.71
CA ALA A 381 5.39 14.88 13.84
C ALA A 381 5.80 15.76 15.02
N ILE A 382 6.53 16.85 14.74
CA ILE A 382 6.97 17.73 15.80
C ILE A 382 5.79 18.42 16.46
N THR A 383 4.81 18.86 15.67
CA THR A 383 3.66 19.54 16.25
C THR A 383 2.81 18.58 17.08
N ASN A 384 2.64 17.34 16.63
CA ASN A 384 1.95 16.34 17.44
C ASN A 384 2.70 16.07 18.73
N TYR A 385 4.02 15.90 18.63
CA TYR A 385 4.88 15.72 19.80
C TYR A 385 4.66 16.84 20.81
N THR A 386 4.72 18.09 20.35
CA THR A 386 4.57 19.23 21.26
C THR A 386 3.18 19.28 21.85
N SER A 387 2.15 19.02 21.05
CA SER A 387 0.78 19.08 21.55
C SER A 387 0.56 18.04 22.65
N GLY A 388 1.00 16.81 22.42
CA GLY A 388 0.77 15.73 23.34
C GLY A 388 1.90 15.42 24.31
N GLY A 389 3.00 16.18 24.25
CA GLY A 389 4.16 15.86 25.04
C GLY A 389 4.21 16.58 26.38
N THR A 390 5.05 16.04 27.27
CA THR A 390 5.30 16.68 28.55
C THR A 390 6.19 17.91 28.36
N VAL A 391 6.31 18.70 29.43
CA VAL A 391 7.25 19.82 29.40
C VAL A 391 8.67 19.30 29.26
N GLU A 392 8.98 18.20 29.95
CA GLU A 392 10.32 17.62 29.87
C GLU A 392 10.64 17.18 28.44
N GLN A 393 9.66 16.58 27.76
CA GLN A 393 9.89 16.08 26.41
C GLN A 393 10.03 17.24 25.42
N ILE A 394 9.23 18.29 25.59
CA ILE A 394 9.36 19.46 24.72
C ILE A 394 10.72 20.12 24.95
N VAL A 395 11.19 20.15 26.19
CA VAL A 395 12.50 20.70 26.48
C VAL A 395 13.59 19.87 25.81
N TYR A 396 13.52 18.55 25.97
CA TYR A 396 14.47 17.66 25.30
C TYR A 396 14.46 17.89 23.80
N LEU A 397 13.28 18.08 23.23
CA LEU A 397 13.17 18.35 21.80
C LEU A 397 13.87 19.64 21.42
N VAL A 398 13.70 20.68 22.23
CA VAL A 398 14.39 21.94 21.98
C VAL A 398 15.90 21.73 22.04
N HIS A 399 16.38 20.98 23.04
CA HIS A 399 17.80 20.76 23.21
C HIS A 399 18.40 19.94 22.06
N CYS A 400 17.58 19.18 21.34
CA CYS A 400 18.07 18.45 20.18
C CYS A 400 18.24 19.34 18.95
N GLY A 401 17.84 20.61 19.03
CA GLY A 401 18.08 21.55 17.95
C GLY A 401 16.94 21.65 16.96
N ILE A 402 15.71 21.77 17.45
CA ILE A 402 14.57 21.87 16.55
C ILE A 402 14.36 23.30 16.08
N ILE A 403 14.72 24.28 16.91
CA ILE A 403 14.29 25.66 16.67
C ILE A 403 14.81 26.16 15.33
N GLU A 404 16.10 25.96 15.06
CA GLU A 404 16.67 26.51 13.84
C GLU A 404 16.05 25.92 12.58
N PRO A 405 15.99 24.59 12.41
CA PRO A 405 15.33 24.05 11.21
C PRO A 405 13.86 24.40 11.13
N LEU A 406 13.14 24.33 12.26
CA LEU A 406 11.72 24.66 12.25
C LEU A 406 11.50 26.11 11.84
N MET A 407 12.41 27.01 12.21
CA MET A 407 12.32 28.40 11.76
C MET A 407 12.62 28.51 10.28
N ASN A 408 13.73 27.90 9.85
CA ASN A 408 14.11 27.96 8.43
C ASN A 408 12.98 27.47 7.54
N LEU A 409 12.15 26.56 8.03
CA LEU A 409 11.02 26.09 7.23
C LEU A 409 9.84 27.06 7.24
N LEU A 410 9.88 28.14 8.02
CA LEU A 410 8.82 29.13 7.96
C LEU A 410 8.96 30.08 6.78
N SER A 411 10.08 30.01 6.05
CA SER A 411 10.28 30.82 4.86
C SER A 411 9.72 30.17 3.60
N ALA A 412 8.92 29.12 3.75
CA ALA A 412 8.39 28.38 2.61
C ALA A 412 7.10 29.04 2.12
N LYS A 413 6.41 28.39 1.18
CA LYS A 413 5.23 28.94 0.54
C LYS A 413 3.99 28.08 0.76
N ASP A 414 4.04 27.11 1.66
CA ASP A 414 2.90 26.24 1.96
C ASP A 414 2.25 26.74 3.25
N THR A 415 1.03 27.26 3.13
CA THR A 415 0.36 27.85 4.29
C THR A 415 0.17 26.82 5.40
N LYS A 416 -0.14 25.58 5.04
CA LYS A 416 -0.42 24.57 6.05
C LYS A 416 0.79 24.33 6.94
N ILE A 417 1.99 24.26 6.34
CA ILE A 417 3.17 23.99 7.15
C ILE A 417 3.52 25.21 8.00
N ILE A 418 3.30 26.41 7.47
CA ILE A 418 3.52 27.62 8.25
C ILE A 418 2.64 27.60 9.49
N GLN A 419 1.37 27.21 9.32
CA GLN A 419 0.47 27.10 10.46
C GLN A 419 0.94 26.02 11.44
N VAL A 420 1.33 24.86 10.92
CA VAL A 420 1.83 23.79 11.78
C VAL A 420 3.02 24.28 12.61
N ILE A 421 3.95 24.98 11.97
CA ILE A 421 5.16 25.43 12.66
C ILE A 421 4.82 26.47 13.71
N LEU A 422 3.95 27.43 13.37
CA LEU A 422 3.58 28.45 14.36
C LEU A 422 2.85 27.83 15.54
N ASP A 423 2.04 26.80 15.29
CA ASP A 423 1.39 26.09 16.39
C ASP A 423 2.43 25.39 17.27
N ALA A 424 3.40 24.74 16.64
CA ALA A 424 4.47 24.08 17.41
C ALA A 424 5.21 25.10 18.28
N ILE A 425 5.50 26.27 17.72
CA ILE A 425 6.22 27.30 18.47
C ILE A 425 5.36 27.84 19.59
N SER A 426 4.05 27.95 19.36
CA SER A 426 3.15 28.35 20.44
C SER A 426 3.21 27.34 21.58
N ASN A 427 3.21 26.06 21.26
CA ASN A 427 3.29 25.03 22.30
C ASN A 427 4.62 25.11 23.05
N ILE A 428 5.71 25.33 22.33
CA ILE A 428 7.02 25.41 22.97
C ILE A 428 7.07 26.64 23.88
N PHE A 429 6.51 27.76 23.44
CA PHE A 429 6.45 28.95 24.28
C PHE A 429 5.58 28.71 25.51
N GLN A 430 4.52 27.92 25.37
CA GLN A 430 3.70 27.56 26.53
C GLN A 430 4.53 26.78 27.53
N ALA A 431 5.29 25.79 27.06
CA ALA A 431 6.17 25.04 27.97
C ALA A 431 7.18 25.96 28.64
N ALA A 432 7.76 26.90 27.87
CA ALA A 432 8.71 27.84 28.45
C ALA A 432 8.05 28.67 29.55
N GLU A 433 6.83 29.16 29.29
CA GLU A 433 6.08 29.85 30.34
C GLU A 433 5.91 28.98 31.56
N LYS A 434 5.60 27.69 31.36
CA LYS A 434 5.53 26.77 32.49
C LYS A 434 6.82 26.79 33.29
N LEU A 435 7.97 26.83 32.60
CA LEU A 435 9.27 26.86 33.27
C LEU A 435 9.81 28.27 33.48
N GLY A 436 9.10 29.30 33.03
CA GLY A 436 9.59 30.66 33.18
C GLY A 436 10.82 30.97 32.35
N GLU A 437 10.97 30.31 31.19
CA GLU A 437 12.10 30.54 30.30
C GLU A 437 11.67 31.20 29.00
N THR A 438 10.50 31.86 28.98
CA THR A 438 10.00 32.49 27.77
C THR A 438 11.05 33.40 27.13
N GLU A 439 11.79 34.16 27.95
CA GLU A 439 12.73 35.14 27.41
C GLU A 439 13.88 34.46 26.69
N LYS A 440 14.39 33.36 27.26
CA LYS A 440 15.49 32.64 26.60
C LYS A 440 15.03 32.05 25.27
N LEU A 441 13.86 31.45 25.25
CA LEU A 441 13.32 30.93 23.98
C LEU A 441 13.16 32.07 22.97
N SER A 442 12.73 33.24 23.43
CA SER A 442 12.60 34.38 22.52
C SER A 442 13.95 34.78 21.94
N ILE A 443 14.96 34.88 22.81
CA ILE A 443 16.31 35.20 22.36
C ILE A 443 16.79 34.18 21.34
N MET A 444 16.46 32.91 21.57
CA MET A 444 16.89 31.86 20.66
C MET A 444 16.23 31.99 19.31
N ILE A 445 14.90 32.16 19.29
CA ILE A 445 14.19 32.33 18.03
C ILE A 445 14.63 33.62 17.32
N GLU A 446 15.18 34.58 18.07
CA GLU A 446 15.74 35.77 17.44
C GLU A 446 17.08 35.46 16.78
N GLU A 447 18.04 34.95 17.56
CA GLU A 447 19.40 34.78 17.06
C GLU A 447 19.45 33.95 15.78
N CYS A 448 18.55 32.99 15.64
CA CYS A 448 18.51 32.17 14.43
C CYS A 448 17.83 32.88 13.27
N GLY A 449 17.32 34.10 13.48
CA GLY A 449 16.66 34.83 12.42
C GLY A 449 15.19 34.51 12.25
N GLY A 450 14.53 34.01 13.28
CA GLY A 450 13.13 33.63 13.19
C GLY A 450 12.19 34.81 13.39
N LEU A 451 12.55 35.72 14.29
CA LEU A 451 11.71 36.88 14.56
C LEU A 451 11.34 37.60 13.27
N ASP A 452 12.31 37.78 12.36
CA ASP A 452 12.02 38.41 11.09
C ASP A 452 10.99 37.61 10.31
N LYS A 453 11.11 36.27 10.32
CA LYS A 453 10.15 35.45 9.61
C LYS A 453 8.74 35.62 10.19
N ILE A 454 8.63 35.71 11.51
CA ILE A 454 7.31 35.85 12.12
C ILE A 454 6.72 37.22 11.83
N GLU A 455 7.53 38.27 11.93
CA GLU A 455 7.03 39.62 11.65
C GLU A 455 6.69 39.78 10.19
N ALA A 456 7.32 39.01 9.30
CA ALA A 456 6.93 39.01 7.89
C ALA A 456 5.63 38.24 7.69
N LEU A 457 5.48 37.10 8.37
CA LEU A 457 4.24 36.34 8.30
C LEU A 457 3.06 37.16 8.81
N GLN A 458 3.32 38.12 9.70
CA GLN A 458 2.27 39.05 10.11
C GLN A 458 1.60 39.70 8.90
N ARG A 459 2.26 39.71 7.74
CA ARG A 459 1.72 40.31 6.52
C ARG A 459 1.30 39.25 5.50
N HIS A 460 0.90 38.08 5.97
CA HIS A 460 0.52 36.97 5.09
C HIS A 460 -0.96 37.05 4.78
N GLU A 461 -1.32 36.68 3.54
CA GLU A 461 -2.71 36.79 3.11
C GLU A 461 -3.62 35.99 4.02
N ASN A 462 -3.17 34.83 4.48
CA ASN A 462 -4.01 33.97 5.32
C ASN A 462 -4.33 34.67 6.63
N GLU A 463 -5.49 34.34 7.20
CA GLU A 463 -5.93 34.97 8.44
C GLU A 463 -5.29 34.30 9.66
N SER A 464 -5.25 32.97 9.69
CA SER A 464 -4.68 32.27 10.84
C SER A 464 -3.19 32.56 10.97
N VAL A 465 -2.47 32.66 9.84
CA VAL A 465 -1.06 33.03 9.90
C VAL A 465 -0.90 34.42 10.50
N TYR A 466 -1.69 35.38 10.01
CA TYR A 466 -1.68 36.72 10.58
C TYR A 466 -1.89 36.68 12.09
N LYS A 467 -2.94 35.98 12.54
CA LYS A 467 -3.27 35.95 13.95
C LYS A 467 -2.14 35.32 14.77
N ALA A 468 -1.63 34.17 14.34
CA ALA A 468 -0.60 33.49 15.11
C ALA A 468 0.69 34.32 15.16
N SER A 469 1.12 34.84 14.01
CA SER A 469 2.32 35.66 13.98
C SER A 469 2.18 36.85 14.92
N LEU A 470 1.09 37.60 14.81
CA LEU A 470 0.87 38.73 15.72
C LEU A 470 0.91 38.25 17.17
N ASN A 471 -0.04 37.40 17.55
CA ASN A 471 -0.09 36.86 18.92
C ASN A 471 1.31 36.57 19.47
N LEU A 472 2.11 35.81 18.72
CA LEU A 472 3.47 35.51 19.19
C LEU A 472 4.27 36.79 19.40
N ILE A 473 4.34 37.63 18.36
CA ILE A 473 5.15 38.85 18.43
C ILE A 473 4.79 39.66 19.67
N GLU A 474 3.49 39.88 19.88
CA GLU A 474 3.03 40.76 20.94
C GLU A 474 3.13 40.11 22.31
N LYS A 475 3.00 38.79 22.40
CA LYS A 475 2.99 38.14 23.71
C LYS A 475 4.40 37.89 24.23
N TYR A 476 5.31 37.42 23.37
CA TYR A 476 6.63 37.01 23.84
C TYR A 476 7.77 37.88 23.32
N PHE A 477 7.58 38.61 22.22
CA PHE A 477 8.64 39.41 21.62
C PHE A 477 8.41 40.90 21.78
N SER A 478 7.61 41.31 22.77
CA SER A 478 7.35 42.73 23.00
C SER A 478 7.14 43.01 24.48
N LYS B 1 -3.90 12.02 14.78
CA LYS B 1 -3.47 11.07 13.75
C LYS B 1 -4.11 11.39 12.40
N ARG B 2 -3.39 11.08 11.32
CA ARG B 2 -3.80 11.43 9.97
C ARG B 2 -3.63 10.21 9.06
N THR B 3 -4.10 10.35 7.83
CA THR B 3 -3.95 9.30 6.82
C THR B 3 -3.47 9.89 5.50
N ALA B 15 3.20 0.07 -5.96
CA ALA B 15 2.28 -1.01 -5.61
C ALA B 15 2.28 -2.07 -6.71
N THR B 16 2.08 -3.33 -6.30
CA THR B 16 2.05 -4.42 -7.27
C THR B 16 1.01 -4.15 -8.34
N PRO B 17 1.32 -4.33 -9.61
CA PRO B 17 0.35 -4.04 -10.68
C PRO B 17 -0.98 -4.74 -10.41
N PRO B 18 -2.11 -4.03 -10.56
CA PRO B 18 -3.41 -4.72 -10.41
C PRO B 18 -3.60 -5.82 -11.44
N LYS B 19 -3.29 -5.54 -12.70
CA LYS B 19 -3.41 -6.50 -13.79
C LYS B 19 -2.04 -6.78 -14.38
N LYS B 20 -1.83 -8.00 -14.83
CA LYS B 20 -0.56 -8.40 -15.41
C LYS B 20 -0.80 -9.36 -16.57
N LYS B 21 -0.04 -9.17 -17.64
CA LYS B 21 -0.17 -9.97 -18.85
C LYS B 21 0.82 -11.13 -18.81
N LYS B 22 0.51 -12.18 -19.56
CA LYS B 22 1.40 -13.32 -19.72
C LYS B 22 2.16 -13.18 -21.03
N ASP B 23 3.48 -13.31 -20.96
CA ASP B 23 4.36 -13.14 -22.11
C ASP B 23 4.46 -11.66 -22.49
#